data_6F9I
#
_entry.id   6F9I
#
_cell.length_a   75.442
_cell.length_b   75.442
_cell.length_c   303.356
_cell.angle_alpha   90.00
_cell.angle_beta   90.00
_cell.angle_gamma   120.00
#
_symmetry.space_group_name_H-M   'P 31 2 1'
#
loop_
_entity.id
_entity.type
_entity.pdbx_description
1 polymer 'Kinesin light chain 2'
2 polymer Calsyntenin-1
#
loop_
_entity_poly.entity_id
_entity_poly.type
_entity_poly.pdbx_seq_one_letter_code
_entity_poly.pdbx_strand_id
1 'polypeptide(L)'
;GRGYEIPARLRTLHNLVIQYASQGRYEVAVPLCKQALEDLEKTSGHDHPDVATMLNILALVYRDQNKYKDAAHLLNDALA
IREKTLGKDHPAVAATLNNLAVLYGKRGKYKEAEPLCKRALEIREKVLGKFHPDVAKQLSNLALLCQNQGKAEEVEYYYR
RALEIYATRLGPDDPNVAKTKNNLASCYLKQGKYQDAETLYKEILTRAHEKEFGSVNGENKPIWMHAEEREESKDKRRDS
APYGEYGSWYKACKVDSPTVNTTLRSLGALYRRQGKLEAAHTLEDCASRSRKR
;
A,B
2 'polypeptide(L)' NATRQLEWDDSTLSY X,C
#
# COMPACT_ATOMS: atom_id res chain seq x y z
N ALA A 8 -10.11 -15.65 -7.62
CA ALA A 8 -10.83 -14.68 -6.80
C ALA A 8 -9.87 -13.75 -6.08
N ARG A 9 -8.87 -14.33 -5.43
CA ARG A 9 -7.89 -13.56 -4.66
C ARG A 9 -7.09 -12.56 -5.48
N LEU A 10 -6.47 -13.06 -6.54
CA LEU A 10 -5.60 -12.26 -7.39
C LEU A 10 -6.36 -11.21 -8.15
N ARG A 11 -7.56 -11.61 -8.56
CA ARG A 11 -8.41 -10.82 -9.46
C ARG A 11 -8.48 -9.35 -9.08
N THR A 12 -8.59 -9.03 -7.78
CA THR A 12 -8.72 -7.63 -7.36
C THR A 12 -7.39 -6.91 -7.07
N LEU A 13 -6.48 -7.61 -6.41
CA LEU A 13 -5.16 -7.04 -6.07
C LEU A 13 -4.44 -6.63 -7.32
N HIS A 14 -4.46 -7.54 -8.29
CA HIS A 14 -3.87 -7.29 -9.60
C HIS A 14 -4.36 -5.97 -10.14
N ASN A 15 -5.65 -5.69 -9.99
CA ASN A 15 -6.20 -4.42 -10.43
C ASN A 15 -5.70 -3.25 -9.58
N LEU A 16 -5.67 -3.46 -8.26
CA LEU A 16 -5.21 -2.41 -7.35
C LEU A 16 -3.78 -1.93 -7.53
N VAL A 17 -2.84 -2.86 -7.67
CA VAL A 17 -1.43 -2.45 -7.87
C VAL A 17 -1.37 -1.47 -9.03
N ILE A 18 -2.01 -1.84 -10.14
CA ILE A 18 -2.07 -1.01 -11.34
C ILE A 18 -2.80 0.31 -11.07
N GLN A 19 -3.97 0.23 -10.45
CA GLN A 19 -4.74 1.42 -10.09
C GLN A 19 -3.92 2.44 -9.32
N TYR A 20 -3.06 1.93 -8.44
CA TYR A 20 -2.27 2.78 -7.58
C TYR A 20 -0.98 3.25 -8.25
N ALA A 21 -0.34 2.38 -9.01
CA ALA A 21 0.87 2.73 -9.74
C ALA A 21 0.58 3.83 -10.75
N SER A 22 -0.57 3.71 -11.43
CA SER A 22 -1.00 4.74 -12.37
C SER A 22 -1.15 6.09 -11.68
N GLN A 23 -1.80 6.06 -10.52
CA GLN A 23 -2.05 7.27 -9.74
C GLN A 23 -0.78 8.02 -9.37
N GLY A 24 0.32 7.29 -9.32
CA GLY A 24 1.60 7.84 -8.88
C GLY A 24 1.94 7.32 -7.48
N ARG A 25 1.02 6.54 -6.94
CA ARG A 25 1.17 5.94 -5.62
C ARG A 25 2.06 4.69 -5.72
N TYR A 26 3.31 4.90 -6.10
CA TYR A 26 4.27 3.81 -6.33
C TYR A 26 4.56 3.05 -5.03
N GLU A 27 4.89 3.83 -4.00
CA GLU A 27 5.18 3.28 -2.68
C GLU A 27 4.00 2.51 -2.12
N VAL A 28 2.79 3.01 -2.37
CA VAL A 28 1.57 2.34 -1.96
C VAL A 28 1.36 1.04 -2.75
N ALA A 29 1.68 1.07 -4.04
CA ALA A 29 1.47 -0.08 -4.90
C ALA A 29 2.44 -1.23 -4.62
N VAL A 30 3.72 -0.91 -4.43
CA VAL A 30 4.73 -1.98 -4.36
C VAL A 30 4.49 -3.02 -3.25
N PRO A 31 4.02 -2.61 -2.06
CA PRO A 31 3.80 -3.61 -1.00
C PRO A 31 2.59 -4.49 -1.29
N LEU A 32 1.54 -3.91 -1.87
CA LEU A 32 0.37 -4.67 -2.25
C LEU A 32 0.78 -5.82 -3.16
N CYS A 33 1.54 -5.47 -4.20
CA CYS A 33 2.10 -6.46 -5.10
C CYS A 33 2.97 -7.45 -4.34
N LYS A 34 3.86 -6.92 -3.52
CA LYS A 34 4.82 -7.73 -2.79
C LYS A 34 4.12 -8.78 -1.91
N GLN A 35 3.09 -8.39 -1.18
CA GLN A 35 2.35 -9.32 -0.33
C GLN A 35 1.54 -10.30 -1.19
N ALA A 36 0.92 -9.76 -2.25
CA ALA A 36 0.15 -10.61 -3.16
C ALA A 36 1.03 -11.72 -3.72
N LEU A 37 2.29 -11.38 -4.01
CA LEU A 37 3.26 -12.36 -4.45
C LEU A 37 3.42 -13.49 -3.43
N GLU A 38 3.67 -13.12 -2.18
CA GLU A 38 3.87 -14.10 -1.11
C GLU A 38 2.61 -14.90 -0.85
N ASP A 39 1.45 -14.31 -1.10
CA ASP A 39 0.19 -15.03 -0.94
C ASP A 39 0.00 -16.00 -2.11
N LEU A 40 0.50 -15.64 -3.29
CA LEU A 40 0.47 -16.57 -4.41
C LEU A 40 1.47 -17.72 -4.25
N GLU A 41 2.66 -17.39 -3.77
CA GLU A 41 3.71 -18.40 -3.67
C GLU A 41 3.39 -19.43 -2.62
N LYS A 42 2.53 -19.06 -1.67
CA LYS A 42 2.08 -20.00 -0.65
C LYS A 42 1.35 -21.16 -1.30
N THR A 43 0.44 -20.83 -2.22
CA THR A 43 -0.39 -21.82 -2.87
C THR A 43 0.30 -22.46 -4.08
N SER A 44 0.77 -21.64 -5.02
CA SER A 44 1.29 -22.16 -6.29
C SER A 44 2.81 -22.15 -6.38
N GLY A 45 3.47 -21.34 -5.57
CA GLY A 45 4.92 -21.24 -5.62
C GLY A 45 5.32 -20.32 -6.75
N HIS A 46 6.58 -20.36 -7.16
CA HIS A 46 7.06 -19.54 -8.27
C HIS A 46 6.39 -19.91 -9.59
N ASP A 47 6.25 -21.21 -9.88
CA ASP A 47 5.69 -21.62 -11.17
C ASP A 47 4.19 -21.33 -11.30
N HIS A 48 3.87 -20.25 -12.04
CA HIS A 48 2.50 -19.89 -12.35
C HIS A 48 2.43 -18.67 -13.27
N PRO A 49 1.45 -18.65 -14.21
CA PRO A 49 1.33 -17.50 -15.10
C PRO A 49 0.99 -16.18 -14.41
N ASP A 50 0.18 -16.21 -13.35
CA ASP A 50 -0.12 -14.98 -12.64
C ASP A 50 1.06 -14.48 -11.87
N VAL A 51 1.86 -15.38 -11.32
CA VAL A 51 3.08 -14.95 -10.64
C VAL A 51 3.95 -14.19 -11.63
N ALA A 52 4.00 -14.71 -12.85
CA ALA A 52 4.76 -14.07 -13.92
C ALA A 52 4.18 -12.69 -14.19
N THR A 53 2.85 -12.63 -14.33
CA THR A 53 2.14 -11.38 -14.56
C THR A 53 2.46 -10.33 -13.46
N MET A 54 2.29 -10.74 -12.21
CA MET A 54 2.55 -9.89 -11.04
C MET A 54 4.00 -9.42 -11.04
N LEU A 55 4.92 -10.34 -11.37
CA LEU A 55 6.33 -9.98 -11.45
C LEU A 55 6.57 -8.93 -12.51
N ASN A 56 5.94 -9.12 -13.66
CA ASN A 56 6.06 -8.15 -14.75
C ASN A 56 5.57 -6.79 -14.26
N ILE A 57 4.43 -6.80 -13.58
CA ILE A 57 3.90 -5.57 -12.99
C ILE A 57 4.95 -4.94 -12.07
N LEU A 58 5.55 -5.73 -11.18
CA LEU A 58 6.61 -5.20 -10.30
C LEU A 58 7.76 -4.55 -11.09
N ALA A 59 8.31 -5.30 -12.05
CA ALA A 59 9.44 -4.79 -12.81
C ALA A 59 9.10 -3.51 -13.58
N LEU A 60 7.84 -3.36 -14.02
CA LEU A 60 7.46 -2.10 -14.68
C LEU A 60 7.52 -0.94 -13.69
N VAL A 61 7.29 -1.20 -12.41
CA VAL A 61 7.48 -0.18 -11.38
C VAL A 61 8.96 0.12 -11.29
N TYR A 62 9.76 -0.95 -11.26
CA TYR A 62 11.20 -0.76 -11.22
C TYR A 62 11.78 -0.05 -12.44
N ARG A 63 11.12 -0.15 -13.61
CA ARG A 63 11.57 0.62 -14.77
C ARG A 63 11.42 2.11 -14.54
N ASP A 64 10.21 2.56 -14.20
CA ASP A 64 9.94 3.97 -13.92
C ASP A 64 10.88 4.53 -12.86
N GLN A 65 11.29 3.67 -11.93
CA GLN A 65 12.15 4.09 -10.83
C GLN A 65 13.61 4.19 -11.30
N ASN A 66 13.87 3.72 -12.51
CA ASN A 66 15.24 3.64 -13.05
C ASN A 66 16.10 2.75 -12.17
N LYS A 67 15.56 1.57 -11.85
CA LYS A 67 16.29 0.48 -11.23
C LYS A 67 16.42 -0.59 -12.29
N TYR A 68 17.07 -0.22 -13.39
CA TYR A 68 17.02 -0.96 -14.64
C TYR A 68 17.51 -2.41 -14.56
N LYS A 69 18.66 -2.66 -13.94
CA LYS A 69 19.20 -4.02 -13.90
C LYS A 69 18.28 -4.92 -13.07
N ASP A 70 17.72 -4.37 -12.00
CA ASP A 70 16.77 -5.11 -11.18
C ASP A 70 15.54 -5.49 -11.99
N ALA A 71 14.99 -4.51 -12.70
CA ALA A 71 13.83 -4.74 -13.56
C ALA A 71 14.14 -5.83 -14.59
N ALA A 72 15.28 -5.70 -15.25
CA ALA A 72 15.69 -6.67 -16.26
C ALA A 72 15.76 -8.08 -15.66
N HIS A 73 16.46 -8.20 -14.54
CA HIS A 73 16.60 -9.48 -13.87
C HIS A 73 15.23 -10.05 -13.52
N LEU A 74 14.37 -9.20 -12.98
CA LEU A 74 13.02 -9.60 -12.62
C LEU A 74 12.25 -10.16 -13.81
N LEU A 75 12.36 -9.48 -14.95
CA LEU A 75 11.68 -9.97 -16.15
C LEU A 75 12.34 -11.24 -16.70
N ASN A 76 13.65 -11.41 -16.50
CA ASN A 76 14.28 -12.68 -16.87
C ASN A 76 13.65 -13.80 -16.06
N ASP A 77 13.54 -13.60 -14.75
CA ASP A 77 12.86 -14.59 -13.90
C ASP A 77 11.43 -14.83 -14.40
N ALA A 78 10.73 -13.74 -14.68
CA ALA A 78 9.35 -13.84 -15.17
C ALA A 78 9.28 -14.64 -16.47
N LEU A 79 10.25 -14.44 -17.36
CA LEU A 79 10.29 -15.18 -18.62
C LEU A 79 10.62 -16.65 -18.37
N ALA A 80 11.45 -16.91 -17.38
CA ALA A 80 11.76 -18.28 -17.00
C ALA A 80 10.50 -18.98 -16.51
N ILE A 81 9.68 -18.28 -15.75
CA ILE A 81 8.40 -18.84 -15.31
C ILE A 81 7.40 -18.98 -16.46
N ARG A 82 7.35 -17.96 -17.32
CA ARG A 82 6.41 -17.92 -18.43
C ARG A 82 6.68 -19.03 -19.44
N GLU A 83 7.94 -19.32 -19.70
CA GLU A 83 8.29 -20.37 -20.66
C GLU A 83 7.90 -21.75 -20.17
N LYS A 84 8.17 -22.08 -18.91
CA LYS A 84 7.76 -23.37 -18.38
C LYS A 84 6.25 -23.47 -18.36
N THR A 85 5.59 -22.45 -17.82
CA THR A 85 4.13 -22.52 -17.68
C THR A 85 3.44 -22.47 -19.04
N LEU A 86 3.58 -21.36 -19.75
CA LEU A 86 2.85 -21.15 -20.99
C LEU A 86 3.47 -21.93 -22.15
N GLY A 87 4.77 -22.15 -22.08
CA GLY A 87 5.48 -22.86 -23.13
C GLY A 87 6.22 -21.90 -24.01
N LYS A 88 7.27 -22.38 -24.68
CA LYS A 88 8.01 -21.56 -25.63
C LYS A 88 7.14 -21.31 -26.84
N ASP A 89 7.43 -20.23 -27.56
CA ASP A 89 6.64 -19.87 -28.73
C ASP A 89 5.21 -19.58 -28.31
N HIS A 90 5.09 -18.76 -27.27
CA HIS A 90 3.81 -18.28 -26.78
C HIS A 90 3.73 -16.77 -26.96
N PRO A 91 2.52 -16.21 -27.14
CA PRO A 91 2.45 -14.75 -27.30
C PRO A 91 2.90 -13.99 -26.05
N ALA A 92 2.61 -14.53 -24.87
CA ALA A 92 3.04 -13.93 -23.62
C ALA A 92 4.56 -13.90 -23.55
N VAL A 93 5.17 -15.02 -23.93
CA VAL A 93 6.62 -15.16 -23.98
C VAL A 93 7.22 -14.13 -24.94
N ALA A 94 6.56 -13.95 -26.08
CA ALA A 94 6.98 -12.97 -27.06
C ALA A 94 6.91 -11.56 -26.49
N ALA A 95 5.76 -11.22 -25.90
CA ALA A 95 5.56 -9.91 -25.29
C ALA A 95 6.65 -9.64 -24.26
N THR A 96 6.93 -10.64 -23.42
CA THR A 96 7.97 -10.51 -22.41
C THR A 96 9.33 -10.29 -23.06
N LEU A 97 9.67 -11.09 -24.07
CA LEU A 97 10.95 -10.91 -24.76
C LEU A 97 11.06 -9.53 -25.39
N ASN A 98 9.94 -9.03 -25.93
CA ASN A 98 9.91 -7.68 -26.47
C ASN A 98 10.18 -6.68 -25.36
N ASN A 99 9.50 -6.84 -24.24
CA ASN A 99 9.64 -5.93 -23.11
C ASN A 99 11.05 -5.90 -22.54
N LEU A 100 11.58 -7.08 -22.24
CA LEU A 100 12.88 -7.21 -21.61
C LEU A 100 14.02 -6.93 -22.59
N ALA A 101 13.65 -6.60 -23.82
CA ALA A 101 14.62 -6.18 -24.81
C ALA A 101 14.69 -4.66 -24.89
N VAL A 102 13.58 -4.01 -24.58
CA VAL A 102 13.55 -2.55 -24.52
C VAL A 102 14.41 -2.08 -23.34
N LEU A 103 14.33 -2.81 -22.23
CA LEU A 103 15.14 -2.51 -21.06
C LEU A 103 16.61 -2.76 -21.34
N TYR A 104 16.88 -3.81 -22.10
CA TYR A 104 18.26 -4.16 -22.43
C TYR A 104 18.84 -3.15 -23.41
N GLY A 105 18.02 -2.72 -24.36
CA GLY A 105 18.43 -1.70 -25.30
C GLY A 105 18.70 -0.37 -24.62
N LYS A 106 17.75 0.06 -23.80
CA LYS A 106 17.89 1.31 -23.05
C LYS A 106 19.16 1.31 -22.19
N ARG A 107 19.50 0.16 -21.64
CA ARG A 107 20.68 0.02 -20.79
C ARG A 107 21.96 0.19 -21.61
N GLY A 108 21.84 0.06 -22.92
CA GLY A 108 22.98 0.19 -23.82
C GLY A 108 23.45 -1.17 -24.30
N LYS A 109 22.79 -2.22 -23.85
CA LYS A 109 23.10 -3.59 -24.24
C LYS A 109 22.39 -3.91 -25.56
N TYR A 110 22.71 -3.13 -26.59
CA TYR A 110 22.05 -3.23 -27.89
C TYR A 110 22.25 -4.59 -28.55
N LYS A 111 23.44 -5.15 -28.43
CA LYS A 111 23.71 -6.46 -29.02
C LYS A 111 23.05 -7.57 -28.21
N GLU A 112 22.87 -7.35 -26.91
CA GLU A 112 22.16 -8.31 -26.06
C GLU A 112 20.64 -8.32 -26.30
N ALA A 113 20.08 -7.18 -26.70
CA ALA A 113 18.65 -7.09 -26.97
C ALA A 113 18.26 -7.71 -28.33
N GLU A 114 19.25 -7.88 -29.20
CA GLU A 114 18.99 -8.28 -30.57
C GLU A 114 18.51 -9.73 -30.70
N PRO A 115 19.11 -10.66 -29.94
CA PRO A 115 18.64 -12.05 -30.02
C PRO A 115 17.26 -12.19 -29.41
N LEU A 116 17.04 -11.52 -28.28
CA LEU A 116 15.72 -11.50 -27.65
C LEU A 116 14.69 -11.06 -28.66
N CYS A 117 14.95 -9.92 -29.29
CA CYS A 117 14.02 -9.38 -30.28
C CYS A 117 13.86 -10.34 -31.47
N LYS A 118 14.97 -10.88 -31.96
CA LYS A 118 14.94 -11.80 -33.09
C LYS A 118 14.09 -13.04 -32.77
N ARG A 119 14.23 -13.58 -31.56
CA ARG A 119 13.42 -14.71 -31.14
C ARG A 119 11.93 -14.31 -31.04
N ALA A 120 11.70 -13.16 -30.41
CA ALA A 120 10.34 -12.65 -30.23
C ALA A 120 9.62 -12.50 -31.57
N LEU A 121 10.29 -11.89 -32.55
CA LEU A 121 9.70 -11.72 -33.88
C LEU A 121 9.37 -13.06 -34.52
N GLU A 122 10.19 -14.07 -34.19
CA GLU A 122 10.01 -15.40 -34.77
C GLU A 122 8.84 -16.11 -34.11
N ILE A 123 8.63 -15.82 -32.82
CA ILE A 123 7.46 -16.33 -32.13
C ILE A 123 6.18 -15.67 -32.67
N ARG A 124 6.24 -14.35 -32.82
CA ARG A 124 5.12 -13.58 -33.35
C ARG A 124 4.71 -14.11 -34.72
N GLU A 125 5.71 -14.27 -35.60
CA GLU A 125 5.44 -14.81 -36.93
C GLU A 125 4.78 -16.18 -36.89
N LYS A 126 5.21 -17.03 -35.98
CA LYS A 126 4.64 -18.37 -35.86
C LYS A 126 3.19 -18.28 -35.42
N VAL A 127 2.91 -17.47 -34.41
CA VAL A 127 1.56 -17.39 -33.87
C VAL A 127 0.57 -16.69 -34.80
N LEU A 128 0.98 -15.57 -35.39
CA LEU A 128 0.06 -14.76 -36.18
C LEU A 128 0.21 -14.97 -37.68
N GLY A 129 1.39 -14.65 -38.20
CA GLY A 129 1.63 -14.74 -39.63
C GLY A 129 2.72 -13.80 -40.09
N LYS A 130 3.30 -14.11 -41.25
CA LYS A 130 4.41 -13.34 -41.81
C LYS A 130 4.07 -11.87 -42.05
N PHE A 131 2.85 -11.62 -42.51
CA PHE A 131 2.41 -10.26 -42.82
C PHE A 131 1.30 -9.81 -41.87
N HIS A 132 1.62 -9.84 -40.57
CA HIS A 132 0.74 -9.37 -39.52
C HIS A 132 1.24 -8.03 -38.96
N PRO A 133 0.32 -7.14 -38.57
CA PRO A 133 0.73 -5.81 -38.08
C PRO A 133 1.63 -5.83 -36.82
N ASP A 134 1.40 -6.76 -35.91
CA ASP A 134 2.23 -6.85 -34.71
C ASP A 134 3.65 -7.24 -35.12
N VAL A 135 3.76 -8.12 -36.10
CA VAL A 135 5.06 -8.51 -36.65
C VAL A 135 5.77 -7.27 -37.20
N ALA A 136 4.98 -6.39 -37.81
CA ALA A 136 5.53 -5.15 -38.34
C ALA A 136 6.02 -4.26 -37.21
N LYS A 137 5.21 -4.16 -36.16
CA LYS A 137 5.60 -3.39 -34.98
C LYS A 137 6.90 -3.95 -34.40
N GLN A 138 7.01 -5.27 -34.40
CA GLN A 138 8.21 -5.92 -33.89
C GLN A 138 9.40 -5.62 -34.79
N LEU A 139 9.20 -5.70 -36.11
CA LEU A 139 10.27 -5.38 -37.04
C LEU A 139 10.73 -3.93 -36.86
N SER A 140 9.78 -3.04 -36.63
CA SER A 140 10.08 -1.66 -36.36
C SER A 140 10.95 -1.54 -35.11
N ASN A 141 10.54 -2.22 -34.05
CA ASN A 141 11.35 -2.28 -32.83
C ASN A 141 12.76 -2.79 -33.11
N LEU A 142 12.86 -3.86 -33.89
CA LEU A 142 14.16 -4.47 -34.22
C LEU A 142 15.02 -3.56 -35.08
N ALA A 143 14.37 -2.75 -35.92
CA ALA A 143 15.11 -1.85 -36.79
C ALA A 143 15.87 -0.79 -36.00
N LEU A 144 15.38 -0.45 -34.82
CA LEU A 144 16.04 0.55 -33.99
C LEU A 144 17.22 -0.03 -33.22
N LEU A 145 17.08 -1.29 -32.81
CA LEU A 145 18.17 -2.00 -32.16
C LEU A 145 19.34 -2.18 -33.11
N CYS A 146 19.04 -2.14 -34.41
CA CYS A 146 20.04 -2.32 -35.44
C CYS A 146 20.55 -0.96 -35.93
N GLN A 147 19.78 0.08 -35.65
CA GLN A 147 20.17 1.44 -36.01
C GLN A 147 21.31 1.89 -35.10
N ASN A 148 21.12 1.71 -33.80
CA ASN A 148 22.15 2.02 -32.81
C ASN A 148 23.43 1.21 -33.00
N GLN A 149 23.29 -0.02 -33.47
CA GLN A 149 24.45 -0.88 -33.72
C GLN A 149 25.26 -0.39 -34.91
N GLY A 150 24.60 0.30 -35.84
CA GLY A 150 25.23 0.76 -37.06
C GLY A 150 25.24 -0.32 -38.12
N LYS A 151 24.18 -1.11 -38.13
CA LYS A 151 23.97 -2.13 -39.16
C LYS A 151 23.07 -1.53 -40.24
N ALA A 152 23.56 -0.47 -40.88
CA ALA A 152 22.78 0.35 -41.80
C ALA A 152 21.84 -0.44 -42.71
N GLU A 153 22.36 -1.45 -43.39
CA GLU A 153 21.57 -2.25 -44.33
C GLU A 153 20.42 -2.97 -43.62
N GLU A 154 20.72 -3.51 -42.44
CA GLU A 154 19.71 -4.22 -41.65
C GLU A 154 18.54 -3.29 -41.36
N VAL A 155 18.86 -2.05 -41.00
CA VAL A 155 17.84 -1.04 -40.71
C VAL A 155 16.90 -0.90 -41.90
N GLU A 156 17.51 -0.80 -43.09
CA GLU A 156 16.76 -0.61 -44.32
C GLU A 156 15.87 -1.82 -44.56
N TYR A 157 16.46 -3.00 -44.46
CA TYR A 157 15.72 -4.22 -44.73
C TYR A 157 14.53 -4.35 -43.78
N TYR A 158 14.77 -4.15 -42.49
CA TYR A 158 13.70 -4.29 -41.49
C TYR A 158 12.60 -3.24 -41.63
N TYR A 159 12.95 -1.98 -41.85
CA TYR A 159 11.92 -0.97 -42.03
C TYR A 159 11.20 -1.20 -43.37
N ARG A 160 11.95 -1.69 -44.35
CA ARG A 160 11.38 -1.96 -45.68
C ARG A 160 10.36 -3.09 -45.56
N ARG A 161 10.70 -4.12 -44.80
CA ARG A 161 9.77 -5.21 -44.54
C ARG A 161 8.59 -4.73 -43.71
N ALA A 162 8.84 -3.85 -42.75
CA ALA A 162 7.77 -3.28 -41.95
C ALA A 162 6.73 -2.59 -42.83
N LEU A 163 7.20 -1.76 -43.77
CA LEU A 163 6.27 -1.07 -44.67
C LEU A 163 5.43 -2.01 -45.55
N GLU A 164 5.97 -3.16 -45.91
CA GLU A 164 5.25 -4.09 -46.78
C GLU A 164 4.16 -4.82 -46.00
N ILE A 165 4.26 -4.76 -44.68
CA ILE A 165 3.24 -5.32 -43.80
C ILE A 165 2.32 -4.22 -43.28
N TYR A 166 2.80 -2.99 -43.21
CA TYR A 166 1.92 -1.88 -42.80
C TYR A 166 0.98 -1.42 -43.90
N ALA A 167 1.46 -0.51 -44.75
CA ALA A 167 0.61 0.23 -45.70
C ALA A 167 -0.39 -0.64 -46.47
N THR A 168 0.01 -1.88 -46.75
CA THR A 168 -0.87 -2.81 -47.47
C THR A 168 -2.02 -3.28 -46.58
N ARG A 169 -1.70 -3.70 -45.36
CA ARG A 169 -2.70 -4.13 -44.39
C ARG A 169 -3.49 -2.94 -43.86
N LEU A 170 -2.78 -1.81 -43.72
CA LEU A 170 -3.35 -0.59 -43.15
C LEU A 170 -3.95 0.35 -44.18
N GLY A 171 -4.48 1.46 -43.68
CA GLY A 171 -4.96 2.53 -44.52
C GLY A 171 -3.76 3.27 -45.07
N PRO A 172 -3.90 3.88 -46.25
CA PRO A 172 -2.73 4.60 -46.77
C PRO A 172 -2.42 5.79 -45.89
N ASP A 173 -3.48 6.43 -45.43
CA ASP A 173 -3.39 7.61 -44.59
C ASP A 173 -3.03 7.35 -43.12
N ASP A 174 -2.36 6.24 -42.83
CA ASP A 174 -2.05 5.89 -41.45
C ASP A 174 -0.82 6.63 -40.91
N PRO A 175 -0.84 6.99 -39.60
CA PRO A 175 0.33 7.62 -38.97
C PRO A 175 1.48 6.63 -38.73
N ASN A 176 1.13 5.36 -38.52
CA ASN A 176 2.14 4.32 -38.34
C ASN A 176 2.97 4.17 -39.61
N VAL A 177 2.26 4.17 -40.72
CA VAL A 177 2.86 4.06 -42.04
C VAL A 177 3.77 5.26 -42.30
N ALA A 178 3.31 6.45 -41.92
CA ALA A 178 4.10 7.66 -42.09
C ALA A 178 5.33 7.63 -41.20
N LYS A 179 5.14 7.12 -39.98
CA LYS A 179 6.23 6.97 -39.03
C LYS A 179 7.33 6.11 -39.66
N THR A 180 6.91 4.96 -40.18
CA THR A 180 7.87 4.06 -40.82
C THR A 180 8.52 4.73 -42.03
N LYS A 181 7.71 5.33 -42.90
CA LYS A 181 8.26 5.99 -44.09
C LYS A 181 9.18 7.15 -43.74
N ASN A 182 8.98 7.75 -42.57
CA ASN A 182 9.90 8.80 -42.14
C ASN A 182 11.20 8.21 -41.60
N ASN A 183 11.11 7.12 -40.85
CA ASN A 183 12.34 6.45 -40.39
C ASN A 183 13.18 5.87 -41.53
N LEU A 184 12.52 5.12 -42.41
CA LEU A 184 13.19 4.47 -43.52
C LEU A 184 13.88 5.49 -44.42
N ALA A 185 13.27 6.67 -44.55
CA ALA A 185 13.81 7.71 -45.40
C ALA A 185 15.01 8.39 -44.76
N SER A 186 15.13 8.28 -43.45
CA SER A 186 16.29 8.80 -42.75
C SER A 186 17.42 7.79 -42.90
N CYS A 187 17.05 6.52 -42.80
CA CYS A 187 18.00 5.45 -43.02
C CYS A 187 18.59 5.51 -44.44
N TYR A 188 17.83 6.08 -45.38
CA TYR A 188 18.29 6.25 -46.75
C TYR A 188 19.20 7.47 -46.85
N LEU A 189 18.91 8.48 -46.03
CA LEU A 189 19.71 9.68 -46.00
C LEU A 189 21.10 9.34 -45.52
N LYS A 190 21.18 8.50 -44.48
CA LYS A 190 22.47 8.02 -44.00
C LYS A 190 23.25 7.25 -45.06
N GLN A 191 22.57 6.36 -45.78
CA GLN A 191 23.22 5.47 -46.74
C GLN A 191 23.80 6.19 -47.95
N GLY A 192 23.22 7.33 -48.29
CA GLY A 192 23.56 8.03 -49.51
C GLY A 192 22.58 7.71 -50.62
N LYS A 193 21.43 7.13 -50.24
CA LYS A 193 20.34 6.89 -51.18
C LYS A 193 19.44 8.12 -51.20
N TYR A 194 20.02 9.24 -51.60
CA TYR A 194 19.37 10.53 -51.45
C TYR A 194 18.04 10.64 -52.20
N GLN A 195 18.04 10.29 -53.48
CA GLN A 195 16.80 10.41 -54.27
C GLN A 195 15.72 9.47 -53.78
N ASP A 196 16.12 8.34 -53.22
CA ASP A 196 15.16 7.39 -52.68
C ASP A 196 14.45 8.03 -51.49
N ALA A 197 15.23 8.65 -50.60
CA ALA A 197 14.67 9.32 -49.44
C ALA A 197 13.82 10.52 -49.86
N GLU A 198 14.29 11.21 -50.89
CA GLU A 198 13.58 12.35 -51.44
C GLU A 198 12.20 11.91 -51.95
N THR A 199 12.20 10.82 -52.71
CA THR A 199 10.97 10.27 -53.26
C THR A 199 10.04 9.83 -52.12
N LEU A 200 10.62 9.22 -51.09
CA LEU A 200 9.86 8.81 -49.92
C LEU A 200 9.16 9.99 -49.22
N TYR A 201 9.91 11.07 -49.02
CA TYR A 201 9.35 12.26 -48.38
C TYR A 201 8.23 12.86 -49.25
N LYS A 202 8.46 12.87 -50.56
CA LYS A 202 7.42 13.32 -51.48
C LYS A 202 6.15 12.48 -51.32
N GLU A 203 6.31 11.16 -51.25
CA GLU A 203 5.16 10.29 -51.01
C GLU A 203 4.41 10.70 -49.75
N ILE A 204 5.14 10.87 -48.65
CA ILE A 204 4.52 11.30 -47.39
C ILE A 204 3.67 12.57 -47.58
N LEU A 205 4.32 13.61 -48.14
CA LEU A 205 3.60 14.86 -48.38
C LEU A 205 2.35 14.62 -49.22
N THR A 206 2.48 13.80 -50.25
CA THR A 206 1.35 13.49 -51.12
C THR A 206 0.22 12.77 -50.35
N ARG A 207 0.58 11.86 -49.44
CA ARG A 207 -0.45 11.20 -48.63
C ARG A 207 -1.21 12.24 -47.83
N ALA A 208 -0.49 13.22 -47.31
CA ALA A 208 -1.13 14.28 -46.51
C ALA A 208 -1.98 15.28 -47.32
N HIS A 209 -1.42 15.76 -48.42
CA HIS A 209 -2.12 16.76 -49.22
C HIS A 209 -3.51 16.26 -49.60
N GLU A 210 -3.60 14.96 -49.90
CA GLU A 210 -4.85 14.33 -50.32
C GLU A 210 -5.94 14.24 -49.23
N LYS A 211 -5.58 13.95 -47.99
CA LYS A 211 -6.57 14.00 -46.91
C LYS A 211 -6.98 15.44 -46.68
N GLU A 212 -6.03 16.36 -46.84
CA GLU A 212 -6.39 17.77 -46.68
C GLU A 212 -7.37 18.22 -47.77
N PHE A 213 -7.02 17.97 -49.03
CA PHE A 213 -7.84 18.37 -50.17
C PHE A 213 -7.88 17.21 -51.15
N GLY A 214 -8.89 17.15 -52.03
CA GLY A 214 -8.99 16.06 -52.97
C GLY A 214 -7.71 15.89 -53.78
N SER A 215 -7.62 14.79 -54.51
CA SER A 215 -6.39 14.45 -55.23
C SER A 215 -5.95 15.52 -56.21
N VAL A 216 -4.64 15.59 -56.43
CA VAL A 216 -4.01 16.63 -57.23
C VAL A 216 -4.63 16.81 -58.62
N ASN A 217 -4.88 18.07 -58.94
CA ASN A 217 -5.39 18.51 -60.23
C ASN A 217 -4.44 19.61 -60.70
N GLY A 218 -4.74 20.24 -61.84
CA GLY A 218 -3.86 21.27 -62.36
C GLY A 218 -3.42 22.36 -61.39
N GLU A 219 -4.37 22.94 -60.65
CA GLU A 219 -4.06 24.01 -59.69
C GLU A 219 -3.91 23.51 -58.24
N ASN A 220 -4.50 22.35 -57.96
CA ASN A 220 -4.51 21.75 -56.63
C ASN A 220 -3.16 21.15 -56.21
N LYS A 221 -2.16 21.25 -57.08
CA LYS A 221 -0.83 20.66 -56.88
C LYS A 221 -0.25 20.76 -55.45
N PRO A 222 0.60 19.78 -55.08
CA PRO A 222 1.20 19.73 -53.74
C PRO A 222 2.16 20.86 -53.42
N ILE A 223 2.63 20.86 -52.18
CA ILE A 223 3.53 21.88 -51.67
C ILE A 223 4.92 21.80 -52.30
N TRP A 224 5.45 20.58 -52.43
CA TRP A 224 6.77 20.41 -53.02
C TRP A 224 6.75 20.78 -54.50
N MET A 225 5.77 20.27 -55.24
CA MET A 225 5.64 20.59 -56.65
C MET A 225 5.56 22.09 -56.90
N HIS A 226 5.06 22.83 -55.92
CA HIS A 226 4.92 24.28 -56.07
C HIS A 226 6.30 24.90 -56.00
N ALA A 227 7.08 24.42 -55.05
CA ALA A 227 8.38 24.99 -54.76
C ALA A 227 9.43 24.57 -55.79
N GLU A 228 9.46 23.29 -56.14
CA GLU A 228 10.37 22.80 -57.16
C GLU A 228 10.11 23.47 -58.51
N GLU A 229 8.89 23.96 -58.71
CA GLU A 229 8.56 24.71 -59.91
C GLU A 229 8.92 26.18 -59.74
N ARG A 230 8.70 26.73 -58.54
CA ARG A 230 9.12 28.10 -58.27
C ARG A 230 10.63 28.26 -58.45
N GLU A 231 11.36 27.17 -58.21
CA GLU A 231 12.81 27.17 -58.33
C GLU A 231 13.27 27.58 -59.73
N GLU A 232 12.59 27.04 -60.75
CA GLU A 232 12.99 27.27 -62.13
C GLU A 232 12.76 28.72 -62.55
N SER A 233 11.54 29.21 -62.29
CA SER A 233 11.17 30.58 -62.63
C SER A 233 11.16 31.46 -61.38
N ASP A 256 0.01 20.55 -40.78
CA ASP A 256 -0.44 20.67 -39.39
C ASP A 256 0.08 19.49 -38.57
N SER A 257 0.39 18.39 -39.23
CA SER A 257 0.87 17.18 -38.57
C SER A 257 2.33 17.33 -38.16
N PRO A 258 2.71 16.79 -36.99
CA PRO A 258 4.12 16.87 -36.59
C PRO A 258 5.00 15.94 -37.43
N THR A 259 4.48 14.74 -37.69
CA THR A 259 5.19 13.75 -38.48
C THR A 259 5.36 14.27 -39.91
N VAL A 260 4.48 15.17 -40.32
CA VAL A 260 4.53 15.75 -41.66
C VAL A 260 5.23 17.12 -41.66
N ASN A 261 5.42 17.70 -40.48
CA ASN A 261 6.23 18.92 -40.36
C ASN A 261 7.69 18.55 -40.42
N THR A 262 8.01 17.47 -39.71
CA THR A 262 9.34 16.89 -39.75
C THR A 262 9.71 16.58 -41.20
N THR A 263 8.72 16.15 -41.97
CA THR A 263 8.91 15.85 -43.37
C THR A 263 9.22 17.10 -44.19
N LEU A 264 8.49 18.18 -43.92
CA LEU A 264 8.74 19.44 -44.61
C LEU A 264 10.17 19.86 -44.36
N ARG A 265 10.59 19.77 -43.10
CA ARG A 265 11.95 20.15 -42.75
C ARG A 265 12.97 19.20 -43.36
N SER A 266 12.69 17.90 -43.29
CA SER A 266 13.63 16.88 -43.76
C SER A 266 13.84 16.97 -45.27
N LEU A 267 12.76 17.18 -46.01
CA LEU A 267 12.87 17.36 -47.46
C LEU A 267 13.47 18.73 -47.75
N GLY A 268 13.18 19.69 -46.88
CA GLY A 268 13.78 21.01 -46.98
C GLY A 268 15.29 20.92 -46.91
N ALA A 269 15.81 20.02 -46.09
CA ALA A 269 17.25 19.76 -46.07
C ALA A 269 17.74 19.09 -47.36
N LEU A 270 16.95 18.17 -47.91
CA LEU A 270 17.35 17.48 -49.14
C LEU A 270 17.44 18.47 -50.28
N TYR A 271 16.54 19.44 -50.31
CA TYR A 271 16.66 20.49 -51.31
C TYR A 271 17.85 21.39 -51.01
N ARG A 272 18.23 21.51 -49.75
CA ARG A 272 19.45 22.23 -49.40
C ARG A 272 20.63 21.46 -49.97
N ARG A 273 20.53 20.14 -49.95
CA ARG A 273 21.55 19.30 -50.56
C ARG A 273 21.50 19.36 -52.09
N GLN A 274 20.30 19.49 -52.64
CA GLN A 274 20.15 19.56 -54.10
C GLN A 274 20.45 20.94 -54.69
N GLY A 275 20.66 21.93 -53.84
CA GLY A 275 20.92 23.28 -54.32
C GLY A 275 19.63 23.99 -54.72
N LYS A 276 18.51 23.31 -54.55
CA LYS A 276 17.21 23.90 -54.85
C LYS A 276 16.79 24.72 -53.67
N LEU A 277 17.33 25.93 -53.57
CA LEU A 277 17.11 26.69 -52.36
C LEU A 277 15.64 27.10 -52.23
N GLU A 278 15.06 27.73 -53.27
CA GLU A 278 13.66 28.22 -53.21
C GLU A 278 12.74 27.14 -52.66
N ALA A 279 13.04 25.90 -53.00
CA ALA A 279 12.25 24.79 -52.50
C ALA A 279 12.43 24.66 -50.99
N ALA A 280 13.66 24.73 -50.53
CA ALA A 280 13.94 24.65 -49.10
C ALA A 280 13.36 25.87 -48.38
N HIS A 281 13.40 27.03 -49.03
CA HIS A 281 12.87 28.24 -48.44
C HIS A 281 11.37 28.04 -48.21
N THR A 282 10.64 27.70 -49.28
CA THR A 282 9.17 27.56 -49.18
C THR A 282 8.74 26.41 -48.26
N LEU A 283 9.47 25.30 -48.28
CA LEU A 283 9.18 24.19 -47.39
C LEU A 283 9.35 24.62 -45.93
N GLU A 284 10.48 25.27 -45.66
CA GLU A 284 10.76 25.78 -44.33
C GLU A 284 9.67 26.76 -43.88
N ASP A 285 9.26 27.64 -44.80
CA ASP A 285 8.21 28.60 -44.49
C ASP A 285 6.89 27.90 -44.14
N CYS A 286 6.46 26.96 -44.97
CA CYS A 286 5.25 26.20 -44.69
C CYS A 286 5.34 25.49 -43.34
N ALA A 287 6.49 24.90 -43.04
CA ALA A 287 6.69 24.27 -41.74
C ALA A 287 6.59 25.30 -40.61
N SER A 288 7.14 26.49 -40.83
CA SER A 288 7.06 27.56 -39.84
C SER A 288 5.61 27.98 -39.59
N ARG A 289 4.82 28.03 -40.65
CA ARG A 289 3.42 28.43 -40.53
C ARG A 289 2.57 27.42 -39.74
N SER A 290 3.05 26.20 -39.60
CA SER A 290 2.30 25.16 -38.91
C SER A 290 2.50 25.25 -37.40
N LEU B 6 12.41 3.06 -28.78
CA LEU B 6 11.79 1.76 -28.97
C LEU B 6 10.40 1.75 -28.35
N GLU B 7 9.53 0.87 -28.83
CA GLU B 7 8.15 0.80 -28.34
C GLU B 7 7.90 -0.40 -27.43
N TRP B 8 7.19 -0.14 -26.34
CA TRP B 8 6.86 -1.13 -25.32
C TRP B 8 5.65 -1.97 -25.71
N ASP B 9 5.61 -3.21 -25.25
CA ASP B 9 4.46 -4.08 -25.51
C ASP B 9 3.82 -4.52 -24.22
N ASP B 10 2.86 -3.74 -23.71
CA ASP B 10 2.15 -4.12 -22.50
C ASP B 10 0.87 -4.86 -22.84
N SER B 11 1.01 -6.18 -22.86
CA SER B 11 -0.09 -7.13 -22.93
C SER B 11 0.18 -8.22 -21.90
N THR B 12 1.35 -8.13 -21.29
CA THR B 12 1.82 -9.04 -20.25
C THR B 12 1.10 -8.83 -18.90
N LEU B 13 0.55 -7.64 -18.70
CA LEU B 13 -0.22 -7.31 -17.51
C LEU B 13 -1.67 -6.98 -17.86
N SER B 14 -1.87 -6.49 -19.09
CA SER B 14 -3.21 -6.16 -19.58
C SER B 14 -3.69 -7.18 -20.61
N PRO C 7 -19.62 -7.60 -2.06
CA PRO C 7 -18.90 -7.44 -3.32
C PRO C 7 -17.38 -7.56 -3.13
N ALA C 8 -16.76 -8.55 -3.79
CA ALA C 8 -15.33 -8.84 -3.68
C ALA C 8 -14.43 -7.59 -3.67
N ARG C 9 -14.76 -6.67 -4.58
CA ARG C 9 -14.00 -5.46 -4.87
C ARG C 9 -13.75 -4.77 -3.56
N LEU C 10 -14.86 -4.50 -2.87
CA LEU C 10 -14.81 -3.88 -1.57
C LEU C 10 -14.42 -4.85 -0.46
N ARG C 11 -15.02 -6.04 -0.48
CA ARG C 11 -14.86 -7.03 0.59
C ARG C 11 -13.40 -7.31 0.95
N THR C 12 -12.54 -7.44 -0.06
CA THR C 12 -11.14 -7.76 0.23
C THR C 12 -10.34 -6.51 0.58
N LEU C 13 -10.69 -5.40 -0.08
CA LEU C 13 -10.04 -4.12 0.20
C LEU C 13 -10.21 -3.75 1.66
N HIS C 14 -11.46 -3.83 2.11
CA HIS C 14 -11.83 -3.54 3.48
C HIS C 14 -10.97 -4.32 4.44
N ASN C 15 -10.73 -5.58 4.11
CA ASN C 15 -9.87 -6.37 4.95
C ASN C 15 -8.45 -5.84 4.89
N LEU C 16 -7.97 -5.52 3.68
CA LEU C 16 -6.58 -5.05 3.49
C LEU C 16 -6.32 -3.86 4.40
N VAL C 17 -7.32 -2.98 4.52
CA VAL C 17 -7.20 -1.82 5.41
C VAL C 17 -6.80 -2.24 6.83
N ILE C 18 -7.54 -3.17 7.40
CA ILE C 18 -7.27 -3.69 8.74
C ILE C 18 -5.91 -4.35 8.74
N GLN C 19 -5.72 -5.21 7.74
CA GLN C 19 -4.50 -5.98 7.56
C GLN C 19 -3.27 -5.07 7.62
N TYR C 20 -3.38 -3.87 7.03
CA TYR C 20 -2.24 -2.94 7.03
C TYR C 20 -2.15 -1.98 8.20
N ALA C 21 -3.29 -1.46 8.65
CA ALA C 21 -3.27 -0.54 9.78
C ALA C 21 -2.71 -1.25 11.01
N SER C 22 -3.13 -2.50 11.21
CA SER C 22 -2.57 -3.28 12.32
C SER C 22 -1.06 -3.47 12.17
N GLN C 23 -0.62 -3.81 10.96
CA GLN C 23 0.80 -4.04 10.68
C GLN C 23 1.70 -2.85 11.02
N GLY C 24 1.15 -1.65 10.96
CA GLY C 24 1.91 -0.44 11.19
C GLY C 24 2.15 0.33 9.90
N ARG C 25 1.75 -0.25 8.78
CA ARG C 25 1.85 0.43 7.49
C ARG C 25 0.66 1.35 7.31
N TYR C 26 0.61 2.39 8.14
CA TYR C 26 -0.50 3.33 8.17
C TYR C 26 -0.62 4.11 6.85
N GLU C 27 0.51 4.58 6.34
CA GLU C 27 0.53 5.31 5.06
C GLU C 27 -0.07 4.48 3.93
N VAL C 28 0.21 3.18 3.94
CA VAL C 28 -0.38 2.26 2.97
C VAL C 28 -1.88 2.10 3.19
N ALA C 29 -2.29 2.06 4.45
CA ALA C 29 -3.68 1.85 4.83
C ALA C 29 -4.58 3.04 4.49
N VAL C 30 -4.11 4.26 4.74
CA VAL C 30 -4.97 5.44 4.64
C VAL C 30 -5.62 5.66 3.26
N PRO C 31 -4.89 5.43 2.16
CA PRO C 31 -5.53 5.61 0.84
C PRO C 31 -6.51 4.49 0.52
N LEU C 32 -6.17 3.26 0.92
CA LEU C 32 -7.07 2.13 0.76
C LEU C 32 -8.37 2.46 1.46
N CYS C 33 -8.24 2.93 2.69
CA CYS C 33 -9.38 3.38 3.48
C CYS C 33 -10.17 4.46 2.76
N LYS C 34 -9.46 5.50 2.33
CA LYS C 34 -10.11 6.61 1.67
C LYS C 34 -10.89 6.18 0.44
N GLN C 35 -10.28 5.35 -0.39
CA GLN C 35 -10.93 4.90 -1.62
C GLN C 35 -12.09 3.98 -1.32
N ALA C 36 -11.88 3.07 -0.38
CA ALA C 36 -12.95 2.17 0.02
C ALA C 36 -14.16 2.97 0.47
N LEU C 37 -13.92 4.05 1.21
CA LEU C 37 -15.01 4.94 1.63
C LEU C 37 -15.86 5.42 0.43
N GLU C 38 -15.18 5.99 -0.56
CA GLU C 38 -15.86 6.54 -1.72
C GLU C 38 -16.57 5.47 -2.53
N ASP C 39 -16.01 4.25 -2.53
CA ASP C 39 -16.63 3.14 -3.23
C ASP C 39 -17.79 2.54 -2.42
N LEU C 40 -17.69 2.63 -1.10
CA LEU C 40 -18.71 2.10 -0.19
C LEU C 40 -19.95 2.97 -0.26
N GLU C 41 -19.73 4.28 -0.29
CA GLU C 41 -20.84 5.22 -0.31
C GLU C 41 -21.55 5.29 -1.65
N LYS C 42 -20.87 4.91 -2.72
CA LYS C 42 -21.50 4.89 -4.03
C LYS C 42 -22.67 3.91 -4.06
N THR C 43 -22.44 2.72 -3.53
CA THR C 43 -23.44 1.65 -3.56
C THR C 43 -24.46 1.76 -2.42
N SER C 44 -23.96 1.78 -1.19
CA SER C 44 -24.84 1.70 -0.01
C SER C 44 -25.07 3.03 0.70
N GLY C 45 -24.19 4.00 0.44
CA GLY C 45 -24.28 5.30 1.09
C GLY C 45 -23.58 5.43 2.43
N HIS C 46 -23.96 6.46 3.17
CA HIS C 46 -23.32 6.78 4.45
C HIS C 46 -23.52 5.67 5.47
N ASP C 47 -24.77 5.21 5.54
CA ASP C 47 -25.18 4.18 6.49
C ASP C 47 -24.70 2.78 6.13
N HIS C 48 -23.75 2.25 6.89
CA HIS C 48 -23.32 0.87 6.71
C HIS C 48 -22.35 0.49 7.82
N PRO C 49 -22.41 -0.77 8.30
CA PRO C 49 -21.47 -1.20 9.34
C PRO C 49 -20.00 -1.16 8.90
N ASP C 50 -19.76 -1.42 7.62
CA ASP C 50 -18.41 -1.39 7.07
C ASP C 50 -17.87 0.05 6.96
N VAL C 51 -18.74 1.01 6.64
CA VAL C 51 -18.34 2.41 6.64
C VAL C 51 -17.87 2.78 8.05
N ALA C 52 -18.62 2.32 9.03
CA ALA C 52 -18.30 2.56 10.44
C ALA C 52 -16.95 1.96 10.81
N THR C 53 -16.78 0.68 10.47
CA THR C 53 -15.53 -0.02 10.73
C THR C 53 -14.35 0.77 10.13
N MET C 54 -14.48 1.07 8.85
CA MET C 54 -13.48 1.85 8.12
C MET C 54 -13.20 3.22 8.74
N LEU C 55 -14.26 3.90 9.17
CA LEU C 55 -14.11 5.19 9.83
C LEU C 55 -13.32 5.03 11.13
N ASN C 56 -13.65 3.99 11.89
CA ASN C 56 -12.94 3.72 13.13
C ASN C 56 -11.45 3.53 12.84
N ILE C 57 -11.15 2.74 11.81
CA ILE C 57 -9.76 2.57 11.41
C ILE C 57 -9.11 3.91 11.11
N LEU C 58 -9.77 4.76 10.32
CA LEU C 58 -9.23 6.09 10.03
C LEU C 58 -8.92 6.88 11.31
N ALA C 59 -9.90 6.98 12.19
CA ALA C 59 -9.72 7.73 13.44
C ALA C 59 -8.62 7.13 14.30
N LEU C 60 -8.43 5.81 14.22
CA LEU C 60 -7.34 5.17 14.95
C LEU C 60 -5.99 5.66 14.43
N VAL C 61 -5.92 6.01 13.15
CA VAL C 61 -4.73 6.65 12.60
C VAL C 61 -4.63 8.05 13.18
N TYR C 62 -5.74 8.78 13.16
CA TYR C 62 -5.76 10.14 13.69
C TYR C 62 -5.42 10.22 15.19
N ARG C 63 -5.68 9.17 15.95
CA ARG C 63 -5.27 9.17 17.36
C ARG C 63 -3.75 9.21 17.49
N ASP C 64 -3.08 8.26 16.86
CA ASP C 64 -1.61 8.19 16.86
C ASP C 64 -0.97 9.50 16.42
N GLN C 65 -1.64 10.19 15.50
CA GLN C 65 -1.13 11.44 14.95
C GLN C 65 -1.35 12.60 15.91
N ASN C 66 -2.11 12.35 16.97
CA ASN C 66 -2.49 13.38 17.93
C ASN C 66 -3.30 14.47 17.24
N LYS C 67 -4.27 14.02 16.46
CA LYS C 67 -5.30 14.89 15.89
C LYS C 67 -6.59 14.52 16.63
N TYR C 68 -6.53 14.72 17.95
CA TYR C 68 -7.52 14.16 18.87
C TYR C 68 -8.98 14.56 18.63
N LYS C 69 -9.22 15.85 18.40
CA LYS C 69 -10.60 16.31 18.23
C LYS C 69 -11.19 15.74 16.94
N ASP C 70 -10.36 15.64 15.90
CA ASP C 70 -10.78 15.03 14.64
C ASP C 70 -11.14 13.56 14.85
N ALA C 71 -10.25 12.83 15.52
CA ALA C 71 -10.47 11.42 15.82
C ALA C 71 -11.79 11.25 16.56
N ALA C 72 -11.97 12.06 17.59
CA ALA C 72 -13.18 12.02 18.42
C ALA C 72 -14.42 12.24 17.57
N HIS C 73 -14.42 13.32 16.78
CA HIS C 73 -15.56 13.63 15.93
C HIS C 73 -15.85 12.49 14.95
N LEU C 74 -14.78 11.97 14.37
CA LEU C 74 -14.90 10.86 13.42
C LEU C 74 -15.58 9.67 14.07
N LEU C 75 -15.16 9.34 15.29
CA LEU C 75 -15.77 8.23 15.98
C LEU C 75 -17.20 8.54 16.42
N ASN C 76 -17.52 9.81 16.69
CA ASN C 76 -18.90 10.18 16.94
C ASN C 76 -19.76 9.86 15.73
N ASP C 77 -19.28 10.29 14.55
CA ASP C 77 -19.97 9.97 13.31
C ASP C 77 -20.11 8.46 13.13
N ALA C 78 -19.02 7.75 13.39
CA ALA C 78 -19.02 6.29 13.26
C ALA C 78 -20.05 5.65 14.18
N LEU C 79 -20.16 6.12 15.42
CA LEU C 79 -21.16 5.57 16.33
C LEU C 79 -22.56 5.96 15.90
N ALA C 80 -22.72 7.14 15.32
CA ALA C 80 -24.01 7.54 14.80
C ALA C 80 -24.44 6.57 13.70
N ILE C 81 -23.48 6.16 12.87
CA ILE C 81 -23.77 5.16 11.84
C ILE C 81 -24.01 3.76 12.47
N ARG C 82 -23.17 3.42 13.44
CA ARG C 82 -23.23 2.11 14.09
C ARG C 82 -24.55 1.87 14.81
N GLU C 83 -25.05 2.91 15.48
CA GLU C 83 -26.30 2.78 16.22
C GLU C 83 -27.49 2.55 15.30
N LYS C 84 -27.57 3.29 14.20
CA LYS C 84 -28.67 3.06 13.27
C LYS C 84 -28.56 1.68 12.67
N THR C 85 -27.40 1.32 12.13
CA THR C 85 -27.29 0.02 11.48
C THR C 85 -27.35 -1.15 12.48
N LEU C 86 -26.38 -1.22 13.38
CA LEU C 86 -26.27 -2.37 14.27
C LEU C 86 -27.32 -2.34 15.38
N GLY C 87 -27.73 -1.14 15.75
CA GLY C 87 -28.73 -0.96 16.79
C GLY C 87 -28.08 -0.57 18.10
N LYS C 88 -28.84 0.07 18.97
CA LYS C 88 -28.34 0.41 20.30
C LYS C 88 -28.20 -0.88 21.08
N ASP C 89 -27.35 -0.86 22.09
CA ASP C 89 -27.09 -2.04 22.90
C ASP C 89 -26.48 -3.14 22.03
N HIS C 90 -25.48 -2.75 21.25
CA HIS C 90 -24.72 -3.68 20.41
C HIS C 90 -23.28 -3.72 20.90
N PRO C 91 -22.60 -4.87 20.74
CA PRO C 91 -21.20 -4.91 21.22
C PRO C 91 -20.29 -3.94 20.46
N ALA C 92 -20.56 -3.76 19.17
CA ALA C 92 -19.81 -2.81 18.38
C ALA C 92 -20.01 -1.41 18.93
N VAL C 93 -21.26 -1.10 19.24
CA VAL C 93 -21.63 0.19 19.83
C VAL C 93 -20.91 0.39 21.16
N ALA C 94 -20.84 -0.67 21.94
CA ALA C 94 -20.14 -0.62 23.22
C ALA C 94 -18.66 -0.35 23.02
N ALA C 95 -18.04 -1.13 22.15
CA ALA C 95 -16.63 -0.98 21.84
C ALA C 95 -16.33 0.45 21.40
N THR C 96 -17.17 0.97 20.51
CA THR C 96 -17.01 2.33 20.04
C THR C 96 -17.14 3.31 21.21
N LEU C 97 -18.15 3.14 22.05
CA LEU C 97 -18.32 4.02 23.21
C LEU C 97 -17.13 3.95 24.16
N ASN C 98 -16.56 2.76 24.33
CA ASN C 98 -15.36 2.61 25.13
C ASN C 98 -14.21 3.39 24.48
N ASN C 99 -14.04 3.21 23.18
CA ASN C 99 -12.95 3.86 22.44
C ASN C 99 -13.03 5.38 22.47
N LEU C 100 -14.19 5.92 22.12
CA LEU C 100 -14.37 7.36 22.00
C LEU C 100 -14.46 8.03 23.37
N ALA C 101 -14.34 7.22 24.41
CA ALA C 101 -14.29 7.76 25.77
C ALA C 101 -12.85 7.87 26.23
N VAL C 102 -11.98 7.02 25.69
CA VAL C 102 -10.56 7.12 25.97
C VAL C 102 -10.01 8.39 25.35
N LEU C 103 -10.50 8.71 24.15
CA LEU C 103 -10.10 9.93 23.47
C LEU C 103 -10.62 11.15 24.22
N TYR C 104 -11.83 11.02 24.75
CA TYR C 104 -12.45 12.13 25.47
C TYR C 104 -11.74 12.32 26.80
N GLY C 105 -11.37 11.22 27.45
CA GLY C 105 -10.63 11.29 28.69
C GLY C 105 -9.26 11.91 28.47
N LYS C 106 -8.54 11.42 27.47
CA LYS C 106 -7.21 11.94 27.16
C LYS C 106 -7.21 13.45 26.90
N ARG C 107 -8.27 13.95 26.29
CA ARG C 107 -8.39 15.37 25.99
C ARG C 107 -8.59 16.18 27.29
N GLY C 108 -9.01 15.49 28.34
CA GLY C 108 -9.28 16.13 29.61
C GLY C 108 -10.76 16.29 29.87
N LYS C 109 -11.58 15.81 28.94
CA LYS C 109 -13.04 15.85 29.08
C LYS C 109 -13.50 14.64 29.90
N TYR C 110 -12.99 14.54 31.14
CA TYR C 110 -13.25 13.41 32.01
C TYR C 110 -14.73 13.23 32.36
N LYS C 111 -15.44 14.32 32.59
CA LYS C 111 -16.86 14.24 32.90
C LYS C 111 -17.69 13.89 31.67
N GLU C 112 -17.21 14.29 30.49
CA GLU C 112 -17.87 13.92 29.24
C GLU C 112 -17.68 12.44 28.87
N ALA C 113 -16.56 11.85 29.28
CA ALA C 113 -16.29 10.44 28.99
C ALA C 113 -17.05 9.47 29.90
N GLU C 114 -17.52 9.98 31.04
CA GLU C 114 -18.10 9.14 32.07
C GLU C 114 -19.45 8.54 31.66
N PRO C 115 -20.31 9.35 31.01
CA PRO C 115 -21.60 8.80 30.59
C PRO C 115 -21.40 7.77 29.49
N LEU C 116 -20.50 8.08 28.55
CA LEU C 116 -20.15 7.13 27.49
C LEU C 116 -19.74 5.81 28.09
N CYS C 117 -18.79 5.88 29.01
CA CYS C 117 -18.31 4.67 29.65
C CYS C 117 -19.44 3.95 30.40
N LYS C 118 -20.23 4.72 31.15
CA LYS C 118 -21.35 4.15 31.91
C LYS C 118 -22.35 3.43 31.01
N ARG C 119 -22.68 4.02 29.87
CA ARG C 119 -23.59 3.38 28.92
C ARG C 119 -22.94 2.13 28.36
N ALA C 120 -21.68 2.26 27.97
CA ALA C 120 -20.94 1.15 27.38
C ALA C 120 -20.94 -0.05 28.32
N LEU C 121 -20.65 0.20 29.59
CA LEU C 121 -20.66 -0.86 30.59
C LEU C 121 -22.03 -1.51 30.69
N GLU C 122 -23.06 -0.70 30.47
CA GLU C 122 -24.44 -1.17 30.61
C GLU C 122 -24.81 -2.01 29.40
N ILE C 123 -24.23 -1.68 28.26
CA ILE C 123 -24.41 -2.49 27.07
C ILE C 123 -23.66 -3.81 27.21
N ARG C 124 -22.43 -3.73 27.67
CA ARG C 124 -21.60 -4.92 27.89
C ARG C 124 -22.30 -5.89 28.81
N GLU C 125 -22.78 -5.39 29.95
CA GLU C 125 -23.51 -6.23 30.90
C GLU C 125 -24.73 -6.91 30.25
N LYS C 126 -25.45 -6.17 29.42
CA LYS C 126 -26.63 -6.73 28.77
C LYS C 126 -26.23 -7.86 27.84
N VAL C 127 -25.20 -7.62 27.04
CA VAL C 127 -24.80 -8.62 26.05
C VAL C 127 -24.14 -9.85 26.67
N LEU C 128 -23.24 -9.65 27.64
CA LEU C 128 -22.45 -10.76 28.18
C LEU C 128 -22.98 -11.27 29.52
N GLY C 129 -22.97 -10.41 30.52
CA GLY C 129 -23.39 -10.79 31.86
C GLY C 129 -22.77 -9.92 32.93
N LYS C 130 -23.41 -9.90 34.09
CA LYS C 130 -22.97 -9.06 35.20
C LYS C 130 -21.55 -9.36 35.63
N PHE C 131 -21.18 -10.64 35.59
CA PHE C 131 -19.86 -11.07 36.03
C PHE C 131 -19.04 -11.64 34.88
N HIS C 132 -18.86 -10.82 33.85
CA HIS C 132 -18.03 -11.16 32.70
C HIS C 132 -16.71 -10.39 32.73
N PRO C 133 -15.61 -11.01 32.27
CA PRO C 133 -14.31 -10.33 32.32
C PRO C 133 -14.21 -9.01 31.54
N ASP C 134 -14.88 -8.92 30.41
CA ASP C 134 -14.86 -7.68 29.64
C ASP C 134 -15.55 -6.56 30.42
N VAL C 135 -16.64 -6.92 31.09
CA VAL C 135 -17.35 -5.99 31.96
C VAL C 135 -16.39 -5.47 33.02
N ALA C 136 -15.54 -6.37 33.50
CA ALA C 136 -14.55 -6.03 34.50
C ALA C 136 -13.51 -5.08 33.92
N LYS C 137 -13.06 -5.37 32.70
CA LYS C 137 -12.12 -4.48 32.01
C LYS C 137 -12.75 -3.10 31.88
N GLN C 138 -14.05 -3.07 31.60
CA GLN C 138 -14.76 -1.80 31.47
C GLN C 138 -14.83 -1.09 32.82
N LEU C 139 -15.15 -1.82 33.89
CA LEU C 139 -15.19 -1.23 35.22
C LEU C 139 -13.83 -0.64 35.59
N SER C 140 -12.76 -1.36 35.24
CA SER C 140 -11.42 -0.86 35.47
C SER C 140 -11.21 0.44 34.70
N ASN C 141 -11.59 0.46 33.43
CA ASN C 141 -11.54 1.69 32.64
C ASN C 141 -12.33 2.82 33.30
N LEU C 142 -13.53 2.49 33.77
CA LEU C 142 -14.42 3.46 34.40
C LEU C 142 -13.86 3.99 35.71
N ALA C 143 -13.12 3.14 36.41
CA ALA C 143 -12.56 3.53 37.70
C ALA C 143 -11.50 4.63 37.58
N LEU C 144 -10.84 4.70 36.42
CA LEU C 144 -9.82 5.72 36.21
C LEU C 144 -10.45 7.06 35.84
N LEU C 145 -11.57 7.00 35.11
CA LEU C 145 -12.33 8.20 34.78
C LEU C 145 -12.86 8.88 36.03
N CYS C 146 -13.02 8.11 37.09
CA CYS C 146 -13.55 8.65 38.33
C CYS C 146 -12.41 9.02 39.27
N GLN C 147 -11.22 8.47 39.00
CA GLN C 147 -10.05 8.77 39.80
C GLN C 147 -9.60 10.20 39.53
N ASN C 148 -9.49 10.53 38.24
CA ASN C 148 -9.15 11.89 37.84
C ASN C 148 -10.18 12.91 38.28
N GLN C 149 -11.44 12.48 38.33
CA GLN C 149 -12.52 13.36 38.77
C GLN C 149 -12.45 13.66 40.25
N GLY C 150 -11.87 12.74 41.01
CA GLY C 150 -11.80 12.85 42.45
C GLY C 150 -13.07 12.36 43.12
N LYS C 151 -13.66 11.33 42.54
CA LYS C 151 -14.83 10.65 43.12
C LYS C 151 -14.33 9.43 43.89
N ALA C 152 -13.52 9.69 44.92
CA ALA C 152 -12.80 8.66 45.66
C ALA C 152 -13.58 7.36 45.91
N GLU C 153 -14.79 7.50 46.44
CA GLU C 153 -15.62 6.33 46.78
C GLU C 153 -15.96 5.49 45.55
N GLU C 154 -16.33 6.15 44.46
CA GLU C 154 -16.67 5.45 43.23
C GLU C 154 -15.48 4.61 42.75
N VAL C 155 -14.27 5.18 42.85
CA VAL C 155 -13.06 4.46 42.46
C VAL C 155 -13.01 3.13 43.20
N GLU C 156 -13.28 3.21 44.50
CA GLU C 156 -13.24 2.04 45.36
C GLU C 156 -14.30 1.06 44.90
N TYR C 157 -15.51 1.56 44.71
CA TYR C 157 -16.62 0.68 44.32
C TYR C 157 -16.34 -0.05 43.02
N TYR C 158 -15.90 0.70 42.01
CA TYR C 158 -15.66 0.14 40.69
C TYR C 158 -14.49 -0.85 40.68
N TYR C 159 -13.38 -0.51 41.34
CA TYR C 159 -12.27 -1.46 41.38
C TYR C 159 -12.65 -2.67 42.23
N ARG C 160 -13.46 -2.42 43.27
CA ARG C 160 -13.91 -3.49 44.16
C ARG C 160 -14.82 -4.44 43.39
N ARG C 161 -15.71 -3.89 42.58
CA ARG C 161 -16.58 -4.71 41.73
C ARG C 161 -15.76 -5.42 40.68
N ALA C 162 -14.74 -4.74 40.14
CA ALA C 162 -13.85 -5.35 39.17
C ALA C 162 -13.20 -6.61 39.74
N LEU C 163 -12.65 -6.50 40.95
CA LEU C 163 -12.01 -7.65 41.58
C LEU C 163 -12.94 -8.83 41.80
N GLU C 164 -14.23 -8.56 41.98
CA GLU C 164 -15.19 -9.64 42.21
C GLU C 164 -15.49 -10.37 40.91
N ILE C 165 -15.12 -9.75 39.79
CA ILE C 165 -15.25 -10.40 38.48
C ILE C 165 -13.92 -10.95 38.00
N TYR C 166 -12.81 -10.39 38.46
CA TYR C 166 -11.50 -10.92 38.08
C TYR C 166 -11.15 -12.21 38.82
N ALA C 167 -10.58 -12.09 40.02
CA ALA C 167 -10.00 -13.23 40.75
C ALA C 167 -10.89 -14.48 40.81
N THR C 168 -12.19 -14.30 40.88
CA THR C 168 -13.12 -15.44 40.94
C THR C 168 -13.19 -16.15 39.58
N ARG C 169 -13.42 -15.39 38.52
CA ARG C 169 -13.45 -15.95 37.16
C ARG C 169 -12.06 -16.32 36.66
N LEU C 170 -11.07 -15.48 37.00
CA LEU C 170 -9.70 -15.66 36.54
C LEU C 170 -8.87 -16.45 37.54
N GLY C 171 -7.59 -16.60 37.25
CA GLY C 171 -6.67 -17.22 38.19
C GLY C 171 -6.34 -16.26 39.33
N PRO C 172 -6.06 -16.79 40.53
CA PRO C 172 -5.72 -15.92 41.67
C PRO C 172 -4.36 -15.23 41.51
N ASP C 173 -3.39 -15.93 40.93
CA ASP C 173 -2.06 -15.36 40.74
C ASP C 173 -1.98 -14.36 39.57
N ASP C 174 -3.02 -14.35 38.74
CA ASP C 174 -3.11 -13.49 37.54
C ASP C 174 -2.54 -12.07 37.70
N PRO C 175 -1.90 -11.54 36.63
CA PRO C 175 -1.40 -10.16 36.70
C PRO C 175 -2.48 -9.09 36.65
N ASN C 176 -3.59 -9.38 35.98
CA ASN C 176 -4.71 -8.44 35.91
C ASN C 176 -5.25 -8.23 37.33
N VAL C 177 -5.37 -9.34 38.04
CA VAL C 177 -5.84 -9.34 39.42
C VAL C 177 -4.90 -8.53 40.30
N ALA C 178 -3.59 -8.70 40.10
CA ALA C 178 -2.60 -7.95 40.87
C ALA C 178 -2.66 -6.47 40.53
N LYS C 179 -2.86 -6.17 39.26
CA LYS C 179 -2.99 -4.80 38.80
C LYS C 179 -4.13 -4.13 39.54
N THR C 180 -5.29 -4.80 39.55
CA THR C 180 -6.46 -4.26 40.23
C THR C 180 -6.18 -4.13 41.72
N LYS C 181 -5.65 -5.17 42.35
CA LYS C 181 -5.37 -5.11 43.78
C LYS C 181 -4.33 -4.06 44.13
N ASN C 182 -3.49 -3.70 43.17
CA ASN C 182 -2.55 -2.61 43.40
C ASN C 182 -3.20 -1.25 43.26
N ASN C 183 -4.08 -1.09 42.27
CA ASN C 183 -4.81 0.17 42.15
C ASN C 183 -5.76 0.42 43.31
N LEU C 184 -6.57 -0.59 43.64
CA LEU C 184 -7.56 -0.49 44.70
C LEU C 184 -6.90 -0.18 46.04
N ALA C 185 -5.69 -0.71 46.24
CA ALA C 185 -4.97 -0.51 47.49
C ALA C 185 -4.40 0.90 47.56
N SER C 186 -4.24 1.55 46.41
CA SER C 186 -3.81 2.93 46.37
C SER C 186 -5.01 3.83 46.66
N CYS C 187 -6.14 3.45 46.08
CA CYS C 187 -7.38 4.15 46.33
C CYS C 187 -7.75 4.09 47.82
N TYR C 188 -7.28 3.06 48.52
CA TYR C 188 -7.51 2.95 49.96
C TYR C 188 -6.53 3.83 50.73
N LEU C 189 -5.32 3.95 50.19
CA LEU C 189 -4.31 4.78 50.81
C LEU C 189 -4.78 6.22 50.80
N LYS C 190 -5.35 6.64 49.68
CA LYS C 190 -5.91 7.98 49.59
C LYS C 190 -7.05 8.21 50.60
N GLN C 191 -7.93 7.23 50.73
CA GLN C 191 -9.12 7.38 51.58
C GLN C 191 -8.82 7.46 53.06
N GLY C 192 -7.70 6.88 53.47
CA GLY C 192 -7.38 6.73 54.88
C GLY C 192 -7.76 5.36 55.40
N LYS C 193 -8.02 4.43 54.48
CA LYS C 193 -8.28 3.03 54.82
C LYS C 193 -6.95 2.29 54.85
N TYR C 194 -6.06 2.73 55.73
CA TYR C 194 -4.68 2.28 55.72
C TYR C 194 -4.51 0.77 55.92
N GLN C 195 -5.13 0.21 56.95
CA GLN C 195 -4.98 -1.22 57.20
C GLN C 195 -5.58 -2.06 56.07
N ASP C 196 -6.62 -1.54 55.42
CA ASP C 196 -7.23 -2.24 54.31
C ASP C 196 -6.22 -2.38 53.17
N ALA C 197 -5.55 -1.27 52.86
CA ALA C 197 -4.54 -1.26 51.82
C ALA C 197 -3.37 -2.14 52.22
N GLU C 198 -3.01 -2.09 53.51
CA GLU C 198 -1.93 -2.91 54.04
C GLU C 198 -2.24 -4.40 53.84
N THR C 199 -3.45 -4.79 54.20
CA THR C 199 -3.89 -6.16 54.06
C THR C 199 -3.89 -6.56 52.58
N LEU C 200 -4.34 -5.64 51.74
CA LEU C 200 -4.33 -5.85 50.28
C LEU C 200 -2.91 -6.12 49.75
N TYR C 201 -1.96 -5.29 50.16
CA TYR C 201 -0.58 -5.48 49.72
C TYR C 201 -0.02 -6.81 50.21
N LYS C 202 -0.34 -7.16 51.45
CA LYS C 202 0.05 -8.47 51.97
C LYS C 202 -0.48 -9.60 51.09
N GLU C 203 -1.77 -9.51 50.73
CA GLU C 203 -2.37 -10.47 49.81
C GLU C 203 -1.56 -10.56 48.51
N ILE C 204 -1.30 -9.40 47.91
CA ILE C 204 -0.52 -9.37 46.68
C ILE C 204 0.80 -10.12 46.85
N LEU C 205 1.57 -9.76 47.87
CA LEU C 205 2.84 -10.44 48.11
C LEU C 205 2.68 -11.95 48.24
N THR C 206 1.67 -12.37 48.99
CA THR C 206 1.44 -13.79 49.22
C THR C 206 1.12 -14.55 47.93
N ARG C 207 0.32 -13.96 47.04
CA ARG C 207 -0.02 -14.65 45.78
C ARG C 207 1.22 -15.01 44.95
N ALA C 208 2.21 -14.13 44.93
CA ALA C 208 3.46 -14.41 44.21
C ALA C 208 4.36 -15.36 45.01
N HIS C 209 4.50 -15.05 46.29
CA HIS C 209 5.35 -15.86 47.15
C HIS C 209 4.98 -17.33 47.12
N GLU C 210 3.68 -17.65 47.16
CA GLU C 210 3.30 -19.06 47.12
C GLU C 210 3.57 -19.73 45.76
N LYS C 211 3.35 -19.03 44.64
CA LYS C 211 3.64 -19.65 43.35
C LYS C 211 5.15 -19.89 43.19
N GLU C 212 5.99 -19.01 43.72
CA GLU C 212 7.42 -19.25 43.71
C GLU C 212 7.88 -20.43 44.58
N PHE C 213 7.26 -20.62 45.75
CA PHE C 213 7.73 -21.63 46.71
C PHE C 213 6.73 -22.74 47.03
N GLY C 214 5.55 -22.39 47.52
CA GLY C 214 4.57 -23.39 47.91
C GLY C 214 3.81 -22.97 49.15
N SER C 215 2.78 -23.72 49.51
CA SER C 215 1.93 -23.35 50.64
C SER C 215 2.81 -23.17 51.87
N VAL C 216 2.95 -21.91 52.28
CA VAL C 216 3.87 -21.50 53.33
C VAL C 216 3.73 -22.21 54.67
N ASN C 217 4.88 -22.53 55.24
CA ASN C 217 5.02 -23.14 56.54
C ASN C 217 5.95 -22.23 57.36
N GLY C 218 6.17 -22.58 58.63
CA GLY C 218 7.08 -21.84 59.50
C GLY C 218 8.42 -21.55 58.84
N GLU C 219 8.90 -22.51 58.05
CA GLU C 219 10.20 -22.38 57.41
C GLU C 219 10.11 -21.64 56.07
N ASN C 220 8.96 -21.76 55.40
CA ASN C 220 8.72 -21.12 54.11
C ASN C 220 8.23 -19.67 54.21
N LYS C 221 8.16 -19.14 55.43
CA LYS C 221 7.59 -17.81 55.74
C LYS C 221 7.77 -16.73 54.66
N PRO C 222 6.74 -15.86 54.46
CA PRO C 222 6.83 -14.81 53.44
C PRO C 222 7.77 -13.67 53.79
N ILE C 223 7.92 -12.75 52.84
CA ILE C 223 8.83 -11.63 52.98
C ILE C 223 8.38 -10.62 54.04
N TRP C 224 7.10 -10.28 54.05
CA TRP C 224 6.59 -9.34 55.04
C TRP C 224 6.63 -9.93 56.44
N MET C 225 6.12 -11.15 56.59
CA MET C 225 6.12 -11.83 57.88
C MET C 225 7.51 -11.92 58.48
N HIS C 226 8.54 -11.94 57.64
CA HIS C 226 9.90 -12.04 58.13
C HIS C 226 10.30 -10.73 58.78
N ALA C 227 9.90 -9.65 58.12
CA ALA C 227 10.29 -8.30 58.52
C ALA C 227 9.49 -7.83 59.72
N GLU C 228 8.18 -8.04 59.68
CA GLU C 228 7.31 -7.66 60.80
C GLU C 228 7.70 -8.43 62.07
N GLU C 229 8.34 -9.59 61.90
CA GLU C 229 8.84 -10.35 63.04
C GLU C 229 10.22 -9.87 63.44
N ARG C 230 11.04 -9.53 62.44
CA ARG C 230 12.36 -8.97 62.73
C ARG C 230 12.21 -7.67 63.52
N GLU C 231 11.11 -6.97 63.29
CA GLU C 231 10.82 -5.72 63.96
C GLU C 231 10.81 -5.87 65.49
N GLU C 232 10.20 -6.94 65.98
CA GLU C 232 10.06 -7.15 67.42
C GLU C 232 11.40 -7.45 68.08
N SER C 233 12.14 -8.40 67.51
CA SER C 233 13.45 -8.78 68.04
C SER C 233 14.57 -8.18 67.20
N VAL C 255 11.59 -9.12 44.38
CA VAL C 255 10.70 -9.97 43.58
C VAL C 255 10.77 -9.56 42.11
N ASP C 256 10.96 -10.55 41.25
CA ASP C 256 11.19 -10.31 39.82
C ASP C 256 10.10 -9.48 39.15
N SER C 257 8.90 -9.49 39.70
CA SER C 257 7.77 -8.77 39.11
C SER C 257 7.83 -7.27 39.38
N PRO C 258 7.46 -6.46 38.38
CA PRO C 258 7.39 -5.00 38.61
C PRO C 258 6.16 -4.61 39.44
N THR C 259 5.04 -5.25 39.13
CA THR C 259 3.78 -5.00 39.82
C THR C 259 3.90 -5.41 41.29
N VAL C 260 4.84 -6.33 41.58
CA VAL C 260 5.07 -6.79 42.93
C VAL C 260 6.26 -6.07 43.58
N ASN C 261 7.06 -5.37 42.79
CA ASN C 261 8.12 -4.51 43.33
C ASN C 261 7.50 -3.22 43.84
N THR C 262 6.57 -2.70 43.03
CA THR C 262 5.78 -1.55 43.42
C THR C 262 5.10 -1.84 44.76
N THR C 263 4.68 -3.09 44.93
CA THR C 263 4.04 -3.53 46.16
C THR C 263 4.99 -3.52 47.35
N LEU C 264 6.22 -4.00 47.14
CA LEU C 264 7.21 -3.99 48.21
C LEU C 264 7.43 -2.55 48.65
N ARG C 265 7.57 -1.66 47.68
CA ARG C 265 7.80 -0.25 48.01
C ARG C 265 6.57 0.38 48.69
N SER C 266 5.39 0.08 48.15
CA SER C 266 4.15 0.66 48.64
C SER C 266 3.84 0.21 50.07
N LEU C 267 4.06 -1.07 50.36
CA LEU C 267 3.87 -1.59 51.71
C LEU C 267 5.00 -1.08 52.61
N GLY C 268 6.18 -0.90 52.01
CA GLY C 268 7.30 -0.31 52.71
C GLY C 268 6.98 1.07 53.24
N ALA C 269 6.22 1.85 52.47
CA ALA C 269 5.73 3.14 52.95
C ALA C 269 4.72 3.02 54.10
N LEU C 270 3.84 2.02 54.01
CA LEU C 270 2.84 1.83 55.05
C LEU C 270 3.51 1.47 56.37
N TYR C 271 4.59 0.68 56.29
CA TYR C 271 5.36 0.41 57.49
C TYR C 271 6.12 1.66 57.96
N ARG C 272 6.44 2.56 57.04
CA ARG C 272 7.04 3.83 57.44
C ARG C 272 6.02 4.62 58.26
N ARG C 273 4.76 4.55 57.85
CA ARG C 273 3.70 5.15 58.66
C ARG C 273 3.41 4.32 59.92
N GLN C 274 3.58 3.01 59.84
CA GLN C 274 3.30 2.13 60.97
C GLN C 274 4.41 2.17 62.03
N GLY C 275 5.51 2.86 61.73
CA GLY C 275 6.63 2.95 62.65
C GLY C 275 7.50 1.71 62.65
N LYS C 276 7.14 0.75 61.80
CA LYS C 276 7.90 -0.49 61.64
C LYS C 276 9.03 -0.28 60.65
N LEU C 277 10.10 0.34 61.12
CA LEU C 277 11.19 0.78 60.26
C LEU C 277 11.96 -0.41 59.66
N GLU C 278 12.38 -1.34 60.51
CA GLU C 278 13.08 -2.54 60.06
C GLU C 278 12.33 -3.21 58.92
N ALA C 279 11.00 -3.19 59.02
CA ALA C 279 10.16 -3.79 58.00
C ALA C 279 10.24 -3.01 56.68
N ALA C 280 10.17 -1.69 56.78
CA ALA C 280 10.24 -0.84 55.61
C ALA C 280 11.60 -1.01 54.95
N HIS C 281 12.63 -1.18 55.78
CA HIS C 281 13.98 -1.38 55.28
C HIS C 281 14.11 -2.72 54.56
N THR C 282 13.69 -3.81 55.19
CA THR C 282 13.85 -5.12 54.56
C THR C 282 13.03 -5.19 53.27
N LEU C 283 11.85 -4.58 53.29
CA LEU C 283 11.04 -4.52 52.07
C LEU C 283 11.77 -3.72 50.99
N GLU C 284 12.26 -2.54 51.36
CA GLU C 284 13.01 -1.69 50.43
C GLU C 284 14.24 -2.39 49.87
N ASP C 285 14.95 -3.12 50.73
CA ASP C 285 16.13 -3.88 50.32
C ASP C 285 15.77 -4.97 49.32
N CYS C 286 14.75 -5.76 49.64
CA CYS C 286 14.29 -6.80 48.73
C CYS C 286 13.91 -6.18 47.39
N ALA C 287 13.21 -5.05 47.42
CA ALA C 287 12.89 -4.33 46.18
C ALA C 287 14.14 -3.86 45.45
N SER C 288 15.14 -3.39 46.20
CA SER C 288 16.41 -2.96 45.62
C SER C 288 17.12 -4.13 44.94
N ARG C 289 17.06 -5.30 45.56
CA ARG C 289 17.71 -6.49 45.02
C ARG C 289 17.09 -6.98 43.70
N SER C 290 15.86 -6.55 43.41
CA SER C 290 15.16 -7.02 42.21
C SER C 290 15.54 -6.25 40.94
N ARG C 291 16.06 -5.03 41.11
CA ARG C 291 16.44 -4.20 39.98
C ARG C 291 17.91 -4.40 39.63
N GLN D 5 -3.31 6.34 31.51
CA GLN D 5 -4.56 6.72 30.87
C GLN D 5 -5.49 5.51 30.73
N LEU D 6 -6.67 5.73 30.15
CA LEU D 6 -7.61 4.65 29.86
C LEU D 6 -7.12 3.72 28.76
N GLU D 7 -7.71 2.54 28.71
CA GLU D 7 -7.33 1.51 27.74
C GLU D 7 -8.31 1.41 26.57
N TRP D 8 -7.74 1.25 25.38
CA TRP D 8 -8.47 1.17 24.12
C TRP D 8 -9.05 -0.23 23.93
N ASP D 9 -10.17 -0.32 23.21
CA ASP D 9 -10.83 -1.61 22.97
C ASP D 9 -10.87 -1.96 21.48
N ASP D 10 -9.84 -2.66 21.01
CA ASP D 10 -9.78 -3.08 19.63
C ASP D 10 -10.32 -4.49 19.42
N SER D 11 -11.59 -4.53 19.04
CA SER D 11 -12.25 -5.74 18.57
C SER D 11 -12.99 -5.37 17.28
N THR D 12 -12.95 -4.08 16.97
CA THR D 12 -13.54 -3.50 15.77
C THR D 12 -12.77 -3.89 14.51
N LEU D 13 -11.47 -4.16 14.69
CA LEU D 13 -10.60 -4.60 13.62
C LEU D 13 -10.02 -5.97 13.95
N SER D 14 -9.91 -6.24 15.25
CA SER D 14 -9.38 -7.51 15.74
C SER D 14 -10.50 -8.37 16.29
#